data_6ZZN
#
_entry.id   6ZZN
#
_cell.length_a   214.073
_cell.length_b   214.073
_cell.length_c   214.073
_cell.angle_alpha   90
_cell.angle_beta   90
_cell.angle_gamma   90
#
_symmetry.space_group_name_H-M   'F 4 3 2'
#
loop_
_entity.id
_entity.type
_entity.pdbx_description
1 polymer 'Dihydrolipoyllysine-residue acyltransferase component of branched-chain alpha-ketoacid dehydrogenase complex'
2 non-polymer 'ACETATE ION'
3 non-polymer IMIDAZOLE
4 water water
#
_entity_poly.entity_id   1
_entity_poly.type   'polypeptide(L)'
_entity_poly.pdbx_seq_one_letter_code
;GSPDVRPVHGVHARMAEKMTLSHKEIPTAKASVEVICAELLRLRDRFVSAAPEITPFALTLRLLVIALKHNVILNSTWVD
SGEGPQVHVHRGVHLGFGAATERGLLVPVVTDAQDKNTRELASRVAELITGAREGTLTPAELRGSTFTVSNFGALGVDDG
VPVINHPEAAILGLGAIKPRPVVVGGEVVARPTMTLTCVFDHRVVDGAQVAQFMCELRDLIESPETALLDL
;
_entity_poly.pdbx_strand_id   A
#
# COMPACT_ATOMS: atom_id res chain seq x y z
N ASP A 4 -26.81 -4.32 23.83
CA ASP A 4 -25.35 -4.29 23.86
C ASP A 4 -24.90 -3.01 23.17
N VAL A 5 -24.82 -1.94 23.94
CA VAL A 5 -24.45 -0.63 23.45
C VAL A 5 -22.99 -0.36 23.73
N ARG A 6 -22.24 0.01 22.70
CA ARG A 6 -20.81 0.27 22.83
C ARG A 6 -20.47 1.67 22.38
N PRO A 7 -20.29 2.60 23.33
CA PRO A 7 -19.93 3.97 22.93
C PRO A 7 -18.62 3.99 22.12
N VAL A 8 -18.59 4.82 21.08
CA VAL A 8 -17.41 4.89 20.21
C VAL A 8 -16.41 5.89 20.74
N HIS A 9 -15.18 5.43 21.07
CA HIS A 9 -14.14 6.28 21.65
C HIS A 9 -12.73 6.01 21.07
N GLY A 10 -11.79 6.92 21.33
CA GLY A 10 -10.39 6.85 20.92
C GLY A 10 -10.14 6.39 19.50
N VAL A 11 -9.35 5.31 19.35
CA VAL A 11 -8.97 4.73 18.05
C VAL A 11 -10.18 4.42 17.15
N HIS A 12 -11.27 3.90 17.72
CA HIS A 12 -12.48 3.60 16.95
C HIS A 12 -13.12 4.90 16.45
N ALA A 13 -13.21 5.91 17.33
CA ALA A 13 -13.82 7.20 16.99
C ALA A 13 -13.05 7.90 15.90
N ARG A 14 -11.69 7.86 15.99
CA ARG A 14 -10.84 8.45 14.95
C ARG A 14 -11.10 7.78 13.60
N MET A 15 -11.20 6.43 13.57
CA MET A 15 -11.47 5.67 12.34
C MET A 15 -12.81 6.12 11.73
N ALA A 16 -13.88 6.19 12.54
CA ALA A 16 -15.22 6.59 12.05
C ALA A 16 -15.28 8.01 11.46
N GLU A 17 -14.65 8.99 12.12
CA GLU A 17 -14.64 10.36 11.64
C GLU A 17 -13.93 10.45 10.29
N LYS A 18 -12.80 9.75 10.17
CA LYS A 18 -12.00 9.72 8.95
C LYS A 18 -12.77 9.05 7.81
N MET A 19 -13.47 7.95 8.10
CA MET A 19 -14.25 7.23 7.08
C MET A 19 -15.42 8.09 6.55
N THR A 20 -16.11 8.79 7.46
CA THR A 20 -17.22 9.66 7.09
C THR A 20 -16.77 10.81 6.18
N LEU A 21 -15.63 11.42 6.51
CA LEU A 21 -15.11 12.54 5.73
C LEU A 21 -14.74 12.08 4.31
N SER A 22 -14.05 10.94 4.21
CA SER A 22 -13.66 10.42 2.90
C SER A 22 -14.88 10.10 2.04
N HIS A 23 -15.90 9.47 2.63
CA HIS A 23 -17.12 9.05 1.94
C HIS A 23 -17.92 10.19 1.30
N LYS A 24 -18.12 11.27 2.03
CA LYS A 24 -18.91 12.37 1.51
C LYS A 24 -18.20 13.18 0.45
N GLU A 25 -16.86 13.25 0.51
CA GLU A 25 -16.13 14.12 -0.39
C GLU A 25 -15.57 13.55 -1.68
N ILE A 26 -15.15 12.27 -1.67
CA ILE A 26 -14.39 11.74 -2.79
C ILE A 26 -15.17 10.85 -3.79
N PRO A 27 -15.25 11.26 -5.06
CA PRO A 27 -15.87 10.40 -6.08
C PRO A 27 -14.83 9.36 -6.45
N THR A 28 -15.02 8.13 -5.99
CA THR A 28 -14.01 7.11 -6.24
C THR A 28 -14.32 6.21 -7.43
N ALA A 29 -13.25 5.66 -7.99
CA ALA A 29 -13.30 4.58 -8.96
C ALA A 29 -12.26 3.54 -8.51
N LYS A 30 -12.33 2.33 -9.06
CA LYS A 30 -11.39 1.27 -8.67
C LYS A 30 -10.81 0.58 -9.88
N ALA A 31 -9.56 0.17 -9.76
CA ALA A 31 -8.92 -0.60 -10.81
C ALA A 31 -8.14 -1.71 -10.14
N SER A 32 -8.21 -2.93 -10.68
CA SER A 32 -7.47 -4.04 -10.12
C SER A 32 -6.63 -4.75 -11.18
N VAL A 33 -5.47 -5.23 -10.73
CA VAL A 33 -4.58 -6.06 -11.55
C VAL A 33 -4.16 -7.28 -10.79
N GLU A 34 -4.09 -8.42 -11.49
CA GLU A 34 -3.59 -9.67 -10.92
C GLU A 34 -2.07 -9.69 -11.12
N VAL A 35 -1.33 -10.03 -10.06
CA VAL A 35 0.12 -9.99 -10.04
C VAL A 35 0.69 -11.34 -9.64
N ILE A 36 1.62 -11.86 -10.43
CA ILE A 36 2.30 -13.11 -10.10
C ILE A 36 3.43 -12.80 -9.10
N CYS A 37 3.45 -13.54 -7.98
CA CYS A 37 4.32 -13.26 -6.85
C CYS A 37 5.43 -14.27 -6.64
N ALA A 38 5.70 -15.13 -7.64
CA ALA A 38 6.75 -16.13 -7.49
C ALA A 38 8.12 -15.50 -7.25
N GLU A 39 8.48 -14.48 -8.05
CA GLU A 39 9.80 -13.84 -7.87
C GLU A 39 9.85 -12.99 -6.61
N LEU A 40 8.71 -12.41 -6.21
CA LEU A 40 8.64 -11.62 -4.99
C LEU A 40 8.99 -12.51 -3.77
N LEU A 41 8.38 -13.70 -3.70
CA LEU A 41 8.66 -14.60 -2.58
C LEU A 41 10.05 -15.18 -2.63
N ARG A 42 10.57 -15.44 -3.84
CA ARG A 42 11.95 -15.95 -3.96
C ARG A 42 12.93 -14.89 -3.47
N LEU A 43 12.65 -13.59 -3.75
CA LEU A 43 13.55 -12.53 -3.29
C LEU A 43 13.46 -12.41 -1.78
N ARG A 44 12.23 -12.51 -1.21
CA ARG A 44 12.10 -12.50 0.26
C ARG A 44 12.95 -13.65 0.87
N ASP A 45 12.91 -14.83 0.23
CA ASP A 45 13.71 -15.96 0.73
C ASP A 45 15.20 -15.67 0.72
N ARG A 46 15.68 -14.96 -0.30
CA ARG A 46 17.11 -14.60 -0.37
CA ARG A 46 17.11 -14.61 -0.37
C ARG A 46 17.54 -13.67 0.76
N PHE A 47 16.61 -12.84 1.24
CA PHE A 47 16.91 -11.87 2.29
C PHE A 47 16.65 -12.37 3.70
N VAL A 48 16.08 -13.56 3.90
CA VAL A 48 15.77 -14.05 5.26
C VAL A 48 16.97 -14.03 6.19
N SER A 49 18.12 -14.52 5.71
CA SER A 49 19.31 -14.60 6.58
C SER A 49 19.83 -13.24 7.05
N ALA A 50 20.00 -12.28 6.14
CA ALA A 50 20.59 -10.99 6.48
C ALA A 50 19.59 -9.94 6.95
N ALA A 51 18.36 -10.00 6.45
CA ALA A 51 17.37 -8.98 6.76
C ALA A 51 15.95 -9.55 6.75
N PRO A 52 15.58 -10.33 7.79
CA PRO A 52 14.24 -10.94 7.82
C PRO A 52 13.08 -9.94 7.90
N GLU A 53 13.39 -8.67 8.25
CA GLU A 53 12.38 -7.61 8.27
CA GLU A 53 12.32 -7.65 8.26
C GLU A 53 11.86 -7.36 6.83
N ILE A 54 12.63 -7.81 5.79
CA ILE A 54 12.22 -7.59 4.42
C ILE A 54 11.24 -8.68 4.04
N THR A 55 9.97 -8.42 4.33
CA THR A 55 8.89 -9.34 4.06
C THR A 55 8.31 -9.08 2.66
N PRO A 56 7.34 -9.90 2.20
CA PRO A 56 6.69 -9.59 0.91
C PRO A 56 5.99 -8.23 0.98
N PHE A 57 5.41 -7.88 2.15
CA PHE A 57 4.79 -6.56 2.28
C PHE A 57 5.84 -5.45 2.14
N ALA A 58 6.99 -5.56 2.83
CA ALA A 58 8.02 -4.51 2.73
C ALA A 58 8.55 -4.39 1.29
N LEU A 59 8.72 -5.54 0.61
CA LEU A 59 9.19 -5.50 -0.78
C LEU A 59 8.13 -4.84 -1.67
N THR A 60 6.83 -5.14 -1.43
CA THR A 60 5.76 -4.52 -2.21
C THR A 60 5.79 -3.00 -1.99
N LEU A 61 5.98 -2.57 -0.73
CA LEU A 61 6.04 -1.12 -0.47
C LEU A 61 7.23 -0.48 -1.16
N ARG A 62 8.41 -1.16 -1.17
CA ARG A 62 9.59 -0.56 -1.83
C ARG A 62 9.32 -0.36 -3.33
N LEU A 63 8.70 -1.37 -3.95
CA LEU A 63 8.40 -1.29 -5.38
C LEU A 63 7.29 -0.26 -5.66
N LEU A 64 6.34 -0.12 -4.72
CA LEU A 64 5.30 0.92 -4.81
C LEU A 64 5.98 2.30 -4.83
N VAL A 65 7.01 2.51 -3.98
CA VAL A 65 7.71 3.81 -3.95
C VAL A 65 8.30 4.14 -5.34
N ILE A 66 8.87 3.12 -6.03
CA ILE A 66 9.39 3.34 -7.39
C ILE A 66 8.27 3.72 -8.32
N ALA A 67 7.14 2.95 -8.28
CA ALA A 67 6.02 3.27 -9.16
C ALA A 67 5.49 4.68 -8.91
N LEU A 68 5.46 5.12 -7.64
CA LEU A 68 4.95 6.48 -7.34
C LEU A 68 5.90 7.54 -7.87
N LYS A 69 7.21 7.28 -7.87
CA LYS A 69 8.19 8.23 -8.43
C LYS A 69 7.92 8.48 -9.92
N HIS A 70 7.43 7.45 -10.63
CA HIS A 70 7.16 7.56 -12.07
C HIS A 70 5.70 7.85 -12.40
N ASN A 71 4.84 7.99 -11.38
CA ASN A 71 3.42 8.23 -11.60
C ASN A 71 3.01 9.20 -10.50
N VAL A 72 3.63 10.39 -10.51
CA VAL A 72 3.49 11.36 -9.43
C VAL A 72 2.05 11.79 -9.13
N ILE A 73 1.15 11.73 -10.12
CA ILE A 73 -0.24 12.15 -9.89
C ILE A 73 -0.96 11.25 -8.84
N LEU A 74 -0.44 10.02 -8.61
CA LEU A 74 -1.07 9.13 -7.63
C LEU A 74 -0.81 9.60 -6.19
N ASN A 75 0.21 10.46 -5.97
CA ASN A 75 0.62 10.92 -4.64
C ASN A 75 0.32 12.40 -4.60
N SER A 76 -0.96 12.71 -4.40
CA SER A 76 -1.44 14.07 -4.56
C SER A 76 -2.74 14.30 -3.78
N THR A 77 -3.24 15.55 -3.81
CA THR A 77 -4.46 15.92 -3.10
C THR A 77 -5.28 16.88 -3.94
N TRP A 78 -6.61 16.70 -3.92
CA TRP A 78 -7.52 17.64 -4.55
C TRP A 78 -7.71 18.82 -3.57
N VAL A 79 -7.50 20.03 -4.04
CA VAL A 79 -7.65 21.23 -3.21
C VAL A 79 -8.72 22.14 -3.79
N ASP A 80 -9.76 22.43 -2.99
CA ASP A 80 -10.85 23.30 -3.41
C ASP A 80 -10.45 24.75 -3.22
N PRO A 85 -10.26 25.19 -8.11
CA PRO A 85 -9.83 23.80 -7.89
C PRO A 85 -8.42 23.56 -8.41
N GLN A 86 -7.63 22.79 -7.63
CA GLN A 86 -6.25 22.52 -7.99
C GLN A 86 -5.87 21.12 -7.55
N VAL A 87 -4.85 20.54 -8.17
CA VAL A 87 -4.29 19.29 -7.71
C VAL A 87 -2.92 19.64 -7.15
N HIS A 88 -2.65 19.26 -5.90
CA HIS A 88 -1.35 19.50 -5.29
C HIS A 88 -0.61 18.17 -5.30
N VAL A 89 0.45 18.12 -6.09
CA VAL A 89 1.25 16.91 -6.24
C VAL A 89 2.37 16.96 -5.24
N HIS A 90 2.45 15.95 -4.36
CA HIS A 90 3.44 15.96 -3.29
C HIS A 90 4.74 15.30 -3.70
N ARG A 91 5.86 15.98 -3.44
CA ARG A 91 7.18 15.43 -3.75
C ARG A 91 7.57 14.36 -2.72
N GLY A 92 7.21 14.57 -1.46
CA GLY A 92 7.49 13.58 -0.43
C GLY A 92 6.48 12.45 -0.50
N VAL A 93 6.94 11.22 -0.32
CA VAL A 93 6.05 10.07 -0.30
C VAL A 93 6.00 9.61 1.15
N HIS A 94 4.91 9.93 1.84
CA HIS A 94 4.74 9.59 3.24
C HIS A 94 3.70 8.48 3.24
N LEU A 95 4.18 7.24 3.42
CA LEU A 95 3.36 6.06 3.24
C LEU A 95 2.61 5.60 4.45
N GLY A 96 1.29 5.75 4.43
CA GLY A 96 0.47 5.22 5.50
C GLY A 96 0.18 3.75 5.25
N PHE A 97 0.07 2.96 6.31
CA PHE A 97 -0.32 1.57 6.12
C PHE A 97 -1.11 1.12 7.30
N GLY A 98 -2.09 0.26 7.04
CA GLY A 98 -2.94 -0.23 8.10
C GLY A 98 -2.23 -1.23 8.95
N ALA A 99 -2.38 -1.09 10.26
CA ALA A 99 -1.82 -2.01 11.23
C ALA A 99 -2.96 -2.37 12.18
N ALA A 100 -3.38 -3.63 12.15
CA ALA A 100 -4.46 -4.10 13.02
C ALA A 100 -3.91 -4.27 14.44
N THR A 101 -4.58 -3.67 15.42
CA THR A 101 -4.15 -3.78 16.83
C THR A 101 -5.33 -4.32 17.68
N GLU A 102 -5.09 -4.59 18.98
CA GLU A 102 -6.16 -5.04 19.86
C GLU A 102 -7.21 -3.92 20.07
N ARG A 103 -6.79 -2.65 20.00
CA ARG A 103 -7.71 -1.51 20.15
C ARG A 103 -8.39 -1.09 18.83
N GLY A 104 -8.00 -1.69 17.71
CA GLY A 104 -8.58 -1.34 16.42
C GLY A 104 -7.52 -1.03 15.37
N LEU A 105 -7.93 -0.31 14.34
CA LEU A 105 -7.04 0.02 13.24
C LEU A 105 -6.22 1.24 13.50
N LEU A 106 -4.89 1.12 13.39
CA LEU A 106 -4.03 2.29 13.41
C LEU A 106 -3.44 2.39 12.03
N VAL A 107 -3.16 3.61 11.59
CA VAL A 107 -2.54 3.82 10.28
C VAL A 107 -1.23 4.58 10.45
N PRO A 108 -0.17 3.88 10.87
CA PRO A 108 1.14 4.54 11.00
C PRO A 108 1.67 5.00 9.64
N VAL A 109 2.57 5.98 9.69
CA VAL A 109 3.09 6.59 8.46
C VAL A 109 4.60 6.54 8.39
N VAL A 110 5.13 6.03 7.26
CA VAL A 110 6.55 6.04 7.00
C VAL A 110 6.83 7.38 6.32
N THR A 111 7.41 8.32 7.05
CA THR A 111 7.70 9.63 6.50
C THR A 111 8.93 9.55 5.58
N ASP A 112 8.89 10.26 4.45
CA ASP A 112 9.99 10.32 3.49
C ASP A 112 10.41 8.95 3.02
N ALA A 113 9.41 8.11 2.71
CA ALA A 113 9.68 6.77 2.20
C ALA A 113 10.48 6.82 0.88
N GLN A 114 10.38 7.93 0.11
CA GLN A 114 11.14 8.04 -1.14
C GLN A 114 12.65 8.01 -0.91
N ASP A 115 13.12 8.34 0.30
CA ASP A 115 14.55 8.37 0.62
C ASP A 115 15.05 7.11 1.30
N LYS A 116 14.20 6.09 1.47
CA LYS A 116 14.62 4.87 2.16
C LYS A 116 14.90 3.75 1.19
N ASN A 117 16.00 3.04 1.42
CA ASN A 117 16.29 1.86 0.64
C ASN A 117 15.47 0.68 1.20
N THR A 118 15.52 -0.51 0.56
CA THR A 118 14.67 -1.62 0.99
C THR A 118 14.85 -1.98 2.45
N ARG A 119 16.10 -2.10 2.89
CA ARG A 119 16.39 -2.49 4.26
C ARG A 119 15.85 -1.40 5.23
N GLU A 120 16.07 -0.13 4.89
CA GLU A 120 15.63 0.97 5.76
C GLU A 120 14.12 1.04 5.83
N LEU A 121 13.45 0.83 4.69
CA LEU A 121 11.99 0.89 4.66
C LEU A 121 11.41 -0.25 5.48
N ALA A 122 11.94 -1.47 5.29
CA ALA A 122 11.48 -2.63 6.06
C ALA A 122 11.73 -2.44 7.56
N SER A 123 12.86 -1.82 7.93
CA SER A 123 13.17 -1.59 9.34
C SER A 123 12.17 -0.59 9.95
N ARG A 124 11.86 0.49 9.21
CA ARG A 124 10.91 1.49 9.72
C ARG A 124 9.51 0.91 9.82
N VAL A 125 9.10 0.06 8.85
CA VAL A 125 7.80 -0.59 8.91
C VAL A 125 7.71 -1.48 10.17
N ALA A 126 8.77 -2.26 10.44
CA ALA A 126 8.78 -3.14 11.62
C ALA A 126 8.67 -2.32 12.90
N GLU A 127 9.37 -1.16 12.98
CA GLU A 127 9.32 -0.29 14.16
C GLU A 127 7.90 0.23 14.36
N LEU A 128 7.25 0.64 13.27
CA LEU A 128 5.90 1.19 13.34
C LEU A 128 4.88 0.14 13.74
N ILE A 129 5.04 -1.10 13.27
CA ILE A 129 4.15 -2.18 13.66
C ILE A 129 4.32 -2.46 15.15
N THR A 130 5.58 -2.47 15.63
CA THR A 130 5.82 -2.69 17.07
C THR A 130 5.18 -1.58 17.90
N GLY A 131 5.36 -0.34 17.48
CA GLY A 131 4.78 0.81 18.17
C GLY A 131 3.26 0.78 18.17
N ALA A 132 2.65 0.34 17.04
CA ALA A 132 1.19 0.26 16.97
C ALA A 132 0.68 -0.78 17.97
N ARG A 133 1.35 -1.94 18.03
CA ARG A 133 0.96 -3.02 18.94
C ARG A 133 1.15 -2.64 20.41
N GLU A 134 2.24 -1.93 20.73
CA GLU A 134 2.51 -1.55 22.11
C GLU A 134 1.87 -0.22 22.56
N GLY A 135 1.21 0.49 21.64
CA GLY A 135 0.55 1.76 21.97
C GLY A 135 1.51 2.90 22.24
N THR A 136 2.67 2.88 21.59
CA THR A 136 3.69 3.90 21.81
C THR A 136 3.90 4.88 20.64
N LEU A 137 3.07 4.80 19.59
CA LEU A 137 3.24 5.73 18.46
C LEU A 137 2.89 7.16 18.87
N THR A 138 3.68 8.13 18.38
CA THR A 138 3.41 9.54 18.65
C THR A 138 2.35 10.05 17.65
N PRO A 139 1.74 11.22 17.90
CA PRO A 139 0.78 11.76 16.92
C PRO A 139 1.42 12.02 15.54
N ALA A 140 2.72 12.41 15.49
CA ALA A 140 3.42 12.64 14.22
C ALA A 140 3.52 11.36 13.39
N GLU A 141 3.67 10.21 14.07
CA GLU A 141 3.77 8.91 13.39
C GLU A 141 2.41 8.40 12.86
N LEU A 142 1.31 9.09 13.17
CA LEU A 142 -0.03 8.71 12.76
C LEU A 142 -0.72 9.75 11.89
N ARG A 143 0.04 10.67 11.29
CA ARG A 143 -0.55 11.66 10.40
C ARG A 143 0.42 12.01 9.27
N GLY A 144 -0.07 12.75 8.29
CA GLY A 144 0.79 13.28 7.25
C GLY A 144 1.03 12.38 6.07
N SER A 145 0.30 11.27 5.96
CA SER A 145 0.51 10.40 4.81
C SER A 145 0.03 11.08 3.52
N THR A 146 0.67 10.72 2.40
CA THR A 146 0.30 11.20 1.07
C THR A 146 -0.28 10.06 0.20
N PHE A 147 -0.08 8.80 0.62
CA PHE A 147 -0.57 7.62 -0.08
C PHE A 147 -0.71 6.54 1.00
N THR A 148 -1.74 5.70 0.92
CA THR A 148 -1.95 4.67 1.95
C THR A 148 -2.08 3.30 1.33
N VAL A 149 -1.65 2.27 2.08
CA VAL A 149 -1.73 0.88 1.65
C VAL A 149 -2.52 0.09 2.68
N SER A 150 -3.40 -0.81 2.22
CA SER A 150 -4.16 -1.65 3.12
C SER A 150 -3.84 -3.11 2.80
N ASN A 151 -3.06 -3.76 3.67
CA ASN A 151 -2.69 -5.14 3.41
C ASN A 151 -3.69 -6.13 4.00
N PHE A 152 -4.94 -6.05 3.52
CA PHE A 152 -5.95 -7.00 3.99
C PHE A 152 -5.61 -8.46 3.56
N GLY A 153 -4.72 -8.62 2.59
CA GLY A 153 -4.31 -9.96 2.16
C GLY A 153 -3.62 -10.73 3.27
N ALA A 154 -2.90 -10.00 4.15
CA ALA A 154 -2.24 -10.67 5.27
C ALA A 154 -3.26 -11.26 6.26
N LEU A 155 -4.52 -10.77 6.21
CA LEU A 155 -5.63 -11.21 7.04
C LEU A 155 -6.51 -12.28 6.33
N GLY A 156 -6.14 -12.67 5.11
CA GLY A 156 -6.87 -13.72 4.40
C GLY A 156 -7.84 -13.26 3.34
N VAL A 157 -7.98 -11.94 3.15
CA VAL A 157 -8.92 -11.43 2.16
C VAL A 157 -8.34 -11.54 0.74
N ASP A 158 -9.05 -12.21 -0.19
CA ASP A 158 -8.52 -12.38 -1.56
C ASP A 158 -8.47 -11.11 -2.36
N ASP A 159 -9.51 -10.31 -2.26
CA ASP A 159 -9.51 -8.99 -2.91
C ASP A 159 -10.40 -8.07 -2.12
N GLY A 160 -10.13 -6.78 -2.20
CA GLY A 160 -10.90 -5.85 -1.39
C GLY A 160 -10.88 -4.44 -1.94
N VAL A 161 -11.74 -3.62 -1.32
CA VAL A 161 -11.91 -2.24 -1.70
C VAL A 161 -11.85 -1.40 -0.43
N PRO A 162 -10.67 -0.87 -0.14
CA PRO A 162 -10.53 -0.03 1.06
C PRO A 162 -11.01 1.38 0.81
N VAL A 163 -11.06 2.16 1.89
CA VAL A 163 -11.52 3.55 1.81
C VAL A 163 -10.31 4.47 1.71
N ILE A 164 -10.34 5.46 0.80
CA ILE A 164 -9.22 6.40 0.67
C ILE A 164 -9.05 7.18 1.98
N ASN A 165 -7.78 7.37 2.39
CA ASN A 165 -7.40 8.08 3.59
C ASN A 165 -7.43 9.56 3.22
N HIS A 166 -8.55 10.23 3.44
CA HIS A 166 -8.70 11.66 3.12
C HIS A 166 -7.56 12.50 3.76
N PRO A 167 -6.93 13.45 3.02
CA PRO A 167 -7.29 13.97 1.69
C PRO A 167 -6.41 13.41 0.59
N GLU A 168 -6.03 12.14 0.69
CA GLU A 168 -5.20 11.52 -0.34
C GLU A 168 -5.98 11.27 -1.62
N ALA A 169 -5.28 11.06 -2.73
CA ALA A 169 -5.94 10.81 -4.02
C ALA A 169 -6.15 9.32 -4.28
N ALA A 170 -5.47 8.45 -3.54
CA ALA A 170 -5.56 7.02 -3.81
C ALA A 170 -5.14 6.18 -2.63
N ILE A 171 -5.63 4.95 -2.59
CA ILE A 171 -5.22 3.93 -1.63
C ILE A 171 -5.01 2.64 -2.41
N LEU A 172 -4.04 1.83 -1.99
CA LEU A 172 -3.78 0.56 -2.66
C LEU A 172 -4.09 -0.58 -1.69
N GLY A 173 -4.97 -1.46 -2.12
CA GLY A 173 -5.30 -2.66 -1.36
C GLY A 173 -4.50 -3.83 -1.89
N LEU A 174 -3.92 -4.62 -0.98
CA LEU A 174 -3.11 -5.79 -1.38
C LEU A 174 -3.83 -7.08 -1.00
N GLY A 175 -4.32 -7.81 -1.99
CA GLY A 175 -5.02 -9.06 -1.72
C GLY A 175 -4.10 -10.15 -1.22
N ALA A 176 -4.69 -11.26 -0.78
CA ALA A 176 -3.89 -12.35 -0.21
C ALA A 176 -3.01 -13.00 -1.24
N ILE A 177 -1.76 -13.22 -0.86
CA ILE A 177 -0.83 -13.95 -1.71
C ILE A 177 -1.02 -15.43 -1.40
N LYS A 178 -1.40 -16.19 -2.43
CA LYS A 178 -1.52 -17.64 -2.30
C LYS A 178 -1.47 -18.27 -3.69
N PRO A 179 -1.27 -19.59 -3.78
CA PRO A 179 -1.25 -20.23 -5.10
C PRO A 179 -2.61 -20.16 -5.78
N ARG A 180 -2.59 -19.71 -7.04
CA ARG A 180 -3.79 -19.65 -7.87
C ARG A 180 -3.42 -20.04 -9.29
N PRO A 181 -4.39 -20.50 -10.09
CA PRO A 181 -4.07 -20.87 -11.49
C PRO A 181 -3.95 -19.61 -12.34
N VAL A 182 -2.94 -19.62 -13.22
CA VAL A 182 -2.74 -18.55 -14.20
C VAL A 182 -2.25 -19.20 -15.51
N VAL A 183 -2.29 -18.46 -16.63
CA VAL A 183 -1.75 -18.97 -17.88
C VAL A 183 -0.38 -18.35 -18.10
N VAL A 184 0.63 -19.20 -18.29
CA VAL A 184 2.01 -18.75 -18.57
C VAL A 184 2.46 -19.54 -19.79
N GLY A 185 2.81 -18.82 -20.85
CA GLY A 185 3.24 -19.46 -22.09
C GLY A 185 2.23 -20.42 -22.68
N GLY A 186 0.94 -20.05 -22.57
CA GLY A 186 -0.12 -20.88 -23.09
C GLY A 186 -0.53 -22.07 -22.24
N GLU A 187 0.15 -22.28 -21.11
CA GLU A 187 -0.16 -23.41 -20.23
C GLU A 187 -0.76 -22.94 -18.91
N VAL A 188 -1.72 -23.70 -18.37
CA VAL A 188 -2.30 -23.37 -17.07
C VAL A 188 -1.34 -23.90 -16.03
N VAL A 189 -0.89 -23.03 -15.13
CA VAL A 189 0.06 -23.41 -14.08
C VAL A 189 -0.35 -22.81 -12.75
N ALA A 190 0.23 -23.31 -11.66
CA ALA A 190 -0.01 -22.73 -10.35
C ALA A 190 1.11 -21.73 -10.05
N ARG A 191 0.73 -20.58 -9.54
CA ARG A 191 1.72 -19.59 -9.10
C ARG A 191 1.18 -18.90 -7.88
N PRO A 192 2.04 -18.45 -6.95
CA PRO A 192 1.56 -17.51 -5.92
C PRO A 192 1.17 -16.22 -6.64
N THR A 193 -0.02 -15.70 -6.33
CA THR A 193 -0.47 -14.46 -6.97
C THR A 193 -1.14 -13.57 -5.91
N MET A 194 -1.40 -12.32 -6.30
CA MET A 194 -2.24 -11.45 -5.50
C MET A 194 -2.95 -10.46 -6.39
N THR A 195 -4.13 -10.00 -5.97
CA THR A 195 -4.83 -8.97 -6.71
C THR A 195 -4.58 -7.67 -5.99
N LEU A 196 -4.10 -6.67 -6.74
CA LEU A 196 -3.91 -5.31 -6.21
C LEU A 196 -5.13 -4.53 -6.64
N THR A 197 -5.68 -3.69 -5.74
CA THR A 197 -6.81 -2.85 -6.09
C THR A 197 -6.48 -1.44 -5.72
N CYS A 198 -6.52 -0.53 -6.69
CA CYS A 198 -6.31 0.88 -6.40
C CYS A 198 -7.65 1.57 -6.40
N VAL A 199 -8.00 2.23 -5.31
CA VAL A 199 -9.22 3.04 -5.19
C VAL A 199 -8.73 4.47 -5.31
N PHE A 200 -9.27 5.21 -6.28
CA PHE A 200 -8.75 6.55 -6.56
C PHE A 200 -9.82 7.60 -6.70
N ASP A 201 -9.42 8.84 -6.38
CA ASP A 201 -10.26 10.03 -6.50
C ASP A 201 -10.27 10.37 -7.98
N HIS A 202 -11.40 10.10 -8.65
CA HIS A 202 -11.48 10.28 -10.11
C HIS A 202 -11.51 11.76 -10.53
N ARG A 203 -11.55 12.69 -9.57
CA ARG A 203 -11.37 14.11 -9.92
C ARG A 203 -9.88 14.37 -10.21
N VAL A 204 -8.98 13.62 -9.52
CA VAL A 204 -7.54 13.83 -9.59
C VAL A 204 -6.86 12.96 -10.61
N VAL A 205 -7.16 11.65 -10.58
CA VAL A 205 -6.50 10.63 -11.37
C VAL A 205 -7.50 10.07 -12.36
N ASP A 206 -7.10 9.94 -13.64
CA ASP A 206 -7.99 9.29 -14.61
C ASP A 206 -7.60 7.80 -14.79
N GLY A 207 -8.40 7.07 -15.55
CA GLY A 207 -8.17 5.65 -15.77
C GLY A 207 -6.84 5.36 -16.44
N ALA A 208 -6.40 6.18 -17.40
CA ALA A 208 -5.12 5.94 -18.06
C ALA A 208 -3.97 6.09 -17.04
N GLN A 209 -4.08 7.08 -16.15
CA GLN A 209 -3.04 7.28 -15.13
C GLN A 209 -2.99 6.13 -14.15
N VAL A 210 -4.18 5.69 -13.68
CA VAL A 210 -4.18 4.57 -12.73
C VAL A 210 -3.68 3.29 -13.41
N ALA A 211 -4.04 3.08 -14.69
CA ALA A 211 -3.63 1.85 -15.38
C ALA A 211 -2.12 1.84 -15.57
N GLN A 212 -1.53 3.00 -15.94
CA GLN A 212 -0.07 3.05 -16.13
C GLN A 212 0.65 2.73 -14.83
N PHE A 213 0.16 3.32 -13.74
CA PHE A 213 0.72 3.07 -12.42
C PHE A 213 0.63 1.58 -12.00
N MET A 214 -0.57 0.99 -12.14
CA MET A 214 -0.76 -0.40 -11.72
CA MET A 214 -0.78 -0.39 -11.73
C MET A 214 0.00 -1.37 -12.59
N CYS A 215 0.08 -1.10 -13.89
CA CYS A 215 0.85 -2.00 -14.77
C CYS A 215 2.34 -1.90 -14.45
N GLU A 216 2.84 -0.69 -14.15
CA GLU A 216 4.26 -0.56 -13.80
C GLU A 216 4.54 -1.28 -12.49
N LEU A 217 3.66 -1.16 -11.50
CA LEU A 217 3.87 -1.79 -10.22
C LEU A 217 3.79 -3.32 -10.35
N ARG A 218 2.81 -3.82 -11.15
CA ARG A 218 2.73 -5.27 -11.40
C ARG A 218 4.03 -5.77 -12.03
N ASP A 219 4.54 -5.05 -13.04
CA ASP A 219 5.75 -5.52 -13.72
C ASP A 219 6.98 -5.51 -12.82
N LEU A 220 7.07 -4.52 -11.91
CA LEU A 220 8.16 -4.50 -10.93
C LEU A 220 8.05 -5.70 -9.99
N ILE A 221 6.85 -5.97 -9.48
CA ILE A 221 6.70 -7.12 -8.56
C ILE A 221 7.01 -8.42 -9.25
N GLU A 222 6.54 -8.57 -10.50
CA GLU A 222 6.73 -9.81 -11.23
C GLU A 222 8.19 -10.07 -11.57
N SER A 223 8.99 -8.99 -11.78
CA SER A 223 10.43 -9.12 -12.08
C SER A 223 11.19 -8.05 -11.30
N PRO A 224 11.45 -8.28 -10.02
CA PRO A 224 12.03 -7.21 -9.18
C PRO A 224 13.37 -6.68 -9.67
N GLU A 225 14.17 -7.50 -10.38
CA GLU A 225 15.46 -7.03 -10.90
C GLU A 225 15.27 -5.83 -11.87
N THR A 226 14.08 -5.70 -12.49
CA THR A 226 13.83 -4.54 -13.37
C THR A 226 13.78 -3.21 -12.62
N ALA A 227 13.64 -3.27 -11.28
CA ALA A 227 13.69 -2.05 -10.46
C ALA A 227 15.06 -1.39 -10.56
N LEU A 228 16.12 -2.14 -10.94
CA LEU A 228 17.46 -1.56 -11.04
C LEU A 228 17.58 -0.53 -12.15
N LEU A 229 16.62 -0.46 -13.10
CA LEU A 229 16.75 0.46 -14.24
C LEU A 229 17.11 1.90 -13.85
N ASP A 230 16.42 2.44 -12.84
CA ASP A 230 16.70 3.79 -12.39
C ASP A 230 17.16 3.84 -10.94
N LEU A 231 17.88 2.79 -10.48
CA LEU A 231 18.44 2.78 -9.14
C LEU A 231 19.97 2.65 -9.15
#